data_9RQC
#
_entry.id   9RQC
#
_cell.length_a   67.728
_cell.length_b   89.501
_cell.length_c   44.913
_cell.angle_alpha   90.000
_cell.angle_beta   90.000
_cell.angle_gamma   90.000
#
_symmetry.space_group_name_H-M   'P 21 21 2'
#
loop_
_entity.id
_entity.type
_entity.pdbx_description
1 polymer 'FosA family fosfomycin resistance glutathione transferase'
2 non-polymer 'methyl [3-(aminomethyl)phenoxy]acetate'
3 non-polymer 1,2-ETHANEDIOL
4 non-polymer 'MANGANESE (II) ION'
5 non-polymer 'DIMETHYL SULFOXIDE'
6 water water
#
_entity_poly.entity_id   1
_entity_poly.type   'polypeptide(L)'
_entity_poly.pdbx_seq_one_letter_code
;MLSGLNHLTLAVSQLAPSVAFYQQLLGMTLHARWDSGAYLSCGDLWLCLSLDPQRRVTPPEESDYTHYAFSISEADFASF
AARLEAAGVAVWKLNRSEGASHYFLDPDGHKLELHVGSLAQRLAACREQPYKGMVFFEQHHHHHH
;
_entity_poly.pdbx_strand_id   A,B
#
# COMPACT_ATOMS: atom_id res chain seq x y z
N MET A 1 -14.91 13.14 -0.52
CA MET A 1 -13.74 12.83 0.36
C MET A 1 -13.01 11.62 -0.19
N LEU A 2 -11.97 11.18 0.51
CA LEU A 2 -11.24 10.01 0.09
C LEU A 2 -12.02 8.78 0.52
N SER A 3 -11.98 7.72 -0.31
N SER A 3 -12.04 7.77 -0.35
CA SER A 3 -12.85 6.58 -0.05
CA SER A 3 -12.69 6.52 0.02
C SER A 3 -12.14 5.22 0.02
C SER A 3 -11.96 5.36 -0.62
N GLY A 4 -10.82 5.18 0.02
N GLY A 4 -11.13 4.70 0.16
CA GLY A 4 -10.11 3.93 0.16
CA GLY A 4 -10.45 3.50 -0.29
C GLY A 4 -8.92 3.91 -0.76
C GLY A 4 -9.09 3.79 -0.88
N LEU A 5 -8.25 2.76 -0.86
CA LEU A 5 -7.09 2.66 -1.73
C LEU A 5 -7.53 2.39 -3.16
N ASN A 6 -7.19 3.33 -4.05
CA ASN A 6 -7.46 3.14 -5.46
C ASN A 6 -6.52 2.11 -6.08
N HIS A 7 -5.23 2.21 -5.76
CA HIS A 7 -4.27 1.19 -6.19
C HIS A 7 -3.01 1.27 -5.34
N LEU A 8 -2.29 0.14 -5.32
CA LEU A 8 -0.96 0.03 -4.74
C LEU A 8 0.01 -0.16 -5.90
N THR A 9 1.02 0.69 -6.00
CA THR A 9 2.06 0.54 -7.00
C THR A 9 3.37 0.22 -6.33
N LEU A 10 3.97 -0.90 -6.71
CA LEU A 10 5.28 -1.31 -6.24
C LEU A 10 6.30 -1.15 -7.35
N ALA A 11 7.36 -0.42 -7.05
CA ALA A 11 8.50 -0.36 -7.94
C ALA A 11 9.26 -1.68 -7.88
N VAL A 12 9.59 -2.22 -9.03
CA VAL A 12 10.29 -3.50 -9.11
C VAL A 12 11.52 -3.34 -9.99
N SER A 13 12.56 -4.13 -9.68
CA SER A 13 13.81 -4.05 -10.42
C SER A 13 13.83 -4.97 -11.63
N GLN A 14 13.09 -6.08 -11.58
CA GLN A 14 13.04 -7.05 -12.66
C GLN A 14 11.59 -7.49 -12.79
N LEU A 15 10.98 -7.16 -13.92
CA LEU A 15 9.54 -7.32 -14.03
C LEU A 15 9.13 -8.78 -14.02
N ALA A 16 9.82 -9.64 -14.76
CA ALA A 16 9.40 -11.02 -14.88
C ALA A 16 9.37 -11.75 -13.54
N PRO A 17 10.41 -11.72 -12.72
CA PRO A 17 10.34 -12.41 -11.42
C PRO A 17 9.28 -11.83 -10.52
N SER A 18 9.03 -10.52 -10.62
N SER A 18 9.04 -10.52 -10.62
CA SER A 18 8.00 -9.93 -9.78
CA SER A 18 7.99 -9.91 -9.78
C SER A 18 6.61 -10.37 -10.22
C SER A 18 6.62 -10.39 -10.21
N VAL A 19 6.34 -10.37 -11.52
CA VAL A 19 5.05 -10.87 -12.00
C VAL A 19 4.86 -12.31 -11.56
N ALA A 20 5.90 -13.12 -11.71
CA ALA A 20 5.81 -14.52 -11.30
C ALA A 20 5.50 -14.64 -9.81
N PHE A 21 6.14 -13.81 -8.99
CA PHE A 21 5.90 -13.87 -7.56
C PHE A 21 4.45 -13.56 -7.22
N TYR A 22 3.91 -12.46 -7.75
CA TYR A 22 2.55 -12.06 -7.38
C TYR A 22 1.49 -12.93 -8.03
N GLN A 23 1.71 -13.34 -9.28
CA GLN A 23 0.71 -14.13 -9.98
C GLN A 23 0.85 -15.61 -9.62
N GLN A 24 2.03 -16.21 -9.85
CA GLN A 24 2.16 -17.65 -9.64
C GLN A 24 2.23 -18.01 -8.17
N LEU A 25 3.09 -17.35 -7.41
CA LEU A 25 3.32 -17.78 -6.04
C LEU A 25 2.19 -17.32 -5.13
N LEU A 26 1.76 -16.06 -5.25
CA LEU A 26 0.72 -15.55 -4.37
C LEU A 26 -0.67 -15.72 -4.93
N GLY A 27 -0.82 -16.09 -6.20
CA GLY A 27 -2.12 -16.42 -6.76
C GLY A 27 -2.96 -15.23 -7.17
N MET A 28 -2.36 -14.06 -7.31
CA MET A 28 -3.12 -12.91 -7.76
C MET A 28 -3.44 -13.05 -9.24
N THR A 29 -4.43 -12.28 -9.68
CA THR A 29 -4.90 -12.35 -11.06
C THR A 29 -4.13 -11.36 -11.93
N LEU A 30 -3.48 -11.86 -12.97
CA LEU A 30 -2.77 -11.00 -13.92
C LEU A 30 -3.72 -10.56 -15.03
N HIS A 31 -3.87 -9.24 -15.19
CA HIS A 31 -4.75 -8.69 -16.22
C HIS A 31 -4.01 -8.20 -17.45
N ALA A 32 -2.82 -7.62 -17.27
CA ALA A 32 -2.07 -7.12 -18.40
C ALA A 32 -0.62 -6.95 -17.97
N ARG A 33 0.28 -7.04 -18.95
N ARG A 33 0.27 -7.05 -18.95
CA ARG A 33 1.72 -6.89 -18.77
CA ARG A 33 1.68 -6.79 -18.71
C ARG A 33 2.24 -6.16 -20.00
C ARG A 33 2.27 -6.20 -19.98
N TRP A 34 3.24 -5.31 -19.79
CA TRP A 34 3.86 -4.57 -20.88
C TRP A 34 5.34 -4.44 -20.56
N ASP A 35 6.08 -3.73 -21.40
CA ASP A 35 7.52 -3.76 -21.27
C ASP A 35 7.98 -3.16 -19.95
N SER A 36 7.17 -2.31 -19.34
N SER A 36 7.19 -2.31 -19.33
CA SER A 36 7.57 -1.56 -18.14
CA SER A 36 7.64 -1.67 -18.09
C SER A 36 6.64 -1.76 -16.95
C SER A 36 6.63 -1.75 -16.96
N GLY A 37 5.72 -2.73 -17.00
CA GLY A 37 4.84 -2.90 -15.85
C GLY A 37 3.86 -4.02 -16.02
N ALA A 38 3.03 -4.18 -15.00
CA ALA A 38 1.95 -5.15 -15.03
C ALA A 38 0.84 -4.67 -14.13
N TYR A 39 -0.39 -5.06 -14.46
CA TYR A 39 -1.54 -4.83 -13.61
C TYR A 39 -2.10 -6.17 -13.15
N LEU A 40 -2.31 -6.28 -11.84
CA LEU A 40 -2.87 -7.47 -11.22
C LEU A 40 -4.00 -7.06 -10.30
N SER A 41 -4.84 -8.01 -9.93
CA SER A 41 -5.81 -7.76 -8.88
C SER A 41 -5.75 -8.87 -7.84
N CYS A 42 -6.12 -8.50 -6.63
CA CYS A 42 -6.19 -9.41 -5.49
C CYS A 42 -7.51 -9.04 -4.82
N GLY A 43 -8.56 -9.80 -5.07
CA GLY A 43 -9.88 -9.33 -4.68
C GLY A 43 -10.14 -7.98 -5.31
N ASP A 44 -10.53 -7.00 -4.49
N ASP A 44 -10.52 -7.01 -4.48
CA ASP A 44 -10.78 -5.65 -4.96
CA ASP A 44 -10.78 -5.66 -4.94
C ASP A 44 -9.50 -4.83 -5.14
C ASP A 44 -9.52 -4.78 -5.01
N LEU A 45 -8.35 -5.30 -4.64
CA LEU A 45 -7.12 -4.52 -4.78
C LEU A 45 -6.60 -4.50 -6.21
N TRP A 46 -6.31 -3.30 -6.69
CA TRP A 46 -5.58 -3.07 -7.93
C TRP A 46 -4.11 -2.90 -7.57
N LEU A 47 -3.29 -3.87 -7.99
CA LEU A 47 -1.85 -3.83 -7.81
C LEU A 47 -1.18 -3.52 -9.13
N CYS A 48 -0.29 -2.54 -9.11
N CYS A 48 -0.29 -2.52 -9.13
CA CYS A 48 0.56 -2.20 -10.24
CA CYS A 48 0.54 -2.23 -10.28
C CYS A 48 2.00 -2.55 -9.88
C CYS A 48 1.99 -2.51 -9.92
N LEU A 49 2.68 -3.28 -10.75
CA LEU A 49 4.11 -3.48 -10.66
C LEU A 49 4.74 -2.59 -11.72
N SER A 50 5.63 -1.71 -11.32
CA SER A 50 6.21 -0.71 -12.21
C SER A 50 7.71 -0.91 -12.27
N LEU A 51 8.22 -1.24 -13.46
CA LEU A 51 9.66 -1.40 -13.62
C LEU A 51 10.35 -0.07 -13.34
N ASP A 52 11.28 -0.07 -12.41
CA ASP A 52 11.93 1.17 -12.00
C ASP A 52 13.42 0.91 -11.85
N PRO A 53 14.26 1.50 -12.69
CA PRO A 53 15.72 1.34 -12.50
C PRO A 53 16.21 1.81 -11.16
N GLN A 54 15.45 2.64 -10.44
N GLN A 54 15.44 2.62 -10.44
CA GLN A 54 15.85 3.09 -9.13
CA GLN A 54 15.84 3.10 -9.13
C GLN A 54 15.56 2.08 -8.02
C GLN A 54 15.41 2.18 -7.99
N ARG A 55 14.68 1.11 -8.26
CA ARG A 55 14.40 0.12 -7.23
C ARG A 55 15.63 -0.73 -6.91
N ARG A 56 15.96 -0.79 -5.63
CA ARG A 56 17.02 -1.67 -5.16
C ARG A 56 16.44 -2.83 -4.38
N VAL A 57 17.10 -3.98 -4.52
CA VAL A 57 16.77 -5.15 -3.71
C VAL A 57 17.26 -4.84 -2.30
N THR A 58 16.32 -4.68 -1.36
CA THR A 58 16.65 -4.07 -0.09
C THR A 58 16.52 -5.06 1.04
N PRO A 59 17.59 -5.34 1.80
CA PRO A 59 17.45 -6.24 2.94
C PRO A 59 16.53 -5.63 3.98
N PRO A 60 15.83 -6.47 4.74
CA PRO A 60 14.80 -5.93 5.64
C PRO A 60 15.35 -5.11 6.77
N GLU A 61 16.61 -5.32 7.16
CA GLU A 61 17.21 -4.50 8.19
C GLU A 61 17.53 -3.10 7.70
N GLU A 62 17.51 -2.85 6.40
N GLU A 62 17.51 -2.86 6.39
CA GLU A 62 17.82 -1.54 5.84
CA GLU A 62 17.81 -1.57 5.80
C GLU A 62 16.58 -0.84 5.27
C GLU A 62 16.56 -0.75 5.52
N SER A 63 15.39 -1.36 5.54
CA SER A 63 14.15 -0.62 5.33
C SER A 63 13.37 -0.45 6.63
N ASP A 64 12.52 0.57 6.65
CA ASP A 64 11.64 0.83 7.77
C ASP A 64 10.46 -0.16 7.74
N TYR A 65 9.54 0.04 8.68
CA TYR A 65 8.46 -0.90 8.94
C TYR A 65 7.30 -0.78 7.96
N THR A 66 7.36 0.11 6.97
CA THR A 66 6.29 0.21 5.98
C THR A 66 6.06 -1.16 5.35
N HIS A 67 4.80 -1.60 5.28
CA HIS A 67 4.51 -2.94 4.78
C HIS A 67 3.07 -3.04 4.30
N TYR A 68 2.81 -4.11 3.53
CA TYR A 68 1.54 -4.31 2.83
C TYR A 68 1.03 -5.68 3.22
N ALA A 69 -0.14 -5.72 3.84
CA ALA A 69 -0.72 -6.97 4.30
C ALA A 69 -1.90 -7.36 3.42
N PHE A 70 -1.97 -8.66 3.10
CA PHE A 70 -3.04 -9.24 2.29
C PHE A 70 -3.92 -10.12 3.17
N SER A 71 -5.22 -10.06 2.91
CA SER A 71 -6.19 -10.82 3.68
C SER A 71 -6.20 -12.27 3.25
N ILE A 72 -6.32 -13.15 4.23
CA ILE A 72 -6.47 -14.58 4.02
C ILE A 72 -7.36 -15.11 5.14
N SER A 73 -8.08 -16.17 4.83
CA SER A 73 -9.00 -16.73 5.81
C SER A 73 -8.24 -17.53 6.86
N GLU A 74 -8.91 -17.72 8.00
CA GLU A 74 -8.37 -18.56 9.06
C GLU A 74 -8.10 -19.98 8.54
N ALA A 75 -8.95 -20.50 7.66
CA ALA A 75 -8.78 -21.86 7.17
C ALA A 75 -7.59 -22.00 6.24
N ASP A 76 -7.23 -20.93 5.51
CA ASP A 76 -6.16 -21.01 4.51
C ASP A 76 -4.81 -20.52 5.02
N PHE A 77 -4.77 -19.81 6.14
CA PHE A 77 -3.59 -19.06 6.53
C PHE A 77 -2.37 -19.96 6.70
N ALA A 78 -2.49 -21.01 7.51
CA ALA A 78 -1.30 -21.77 7.88
C ALA A 78 -0.70 -22.48 6.67
N SER A 79 -1.53 -23.05 5.82
N SER A 79 -1.55 -23.10 5.85
CA SER A 79 -0.96 -23.81 4.70
CA SER A 79 -1.06 -23.79 4.67
C SER A 79 -0.34 -22.88 3.67
C SER A 79 -0.30 -22.85 3.75
N PHE A 80 -0.88 -21.66 3.52
CA PHE A 80 -0.29 -20.71 2.58
C PHE A 80 1.06 -20.23 3.11
N ALA A 81 1.10 -19.89 4.39
CA ALA A 81 2.38 -19.51 5.00
C ALA A 81 3.40 -20.63 4.88
N ALA A 82 2.99 -21.88 5.15
CA ALA A 82 3.95 -22.97 5.09
C ALA A 82 4.43 -23.21 3.66
N ARG A 83 3.55 -22.99 2.69
CA ARG A 83 3.96 -23.13 1.29
C ARG A 83 4.99 -22.07 0.92
N LEU A 84 4.79 -20.82 1.36
CA LEU A 84 5.80 -19.81 1.11
C LEU A 84 7.13 -20.18 1.76
N GLU A 85 7.08 -20.68 3.01
CA GLU A 85 8.30 -21.09 3.69
C GLU A 85 9.01 -22.19 2.91
N ALA A 86 8.26 -23.21 2.49
CA ALA A 86 8.87 -24.31 1.77
C ALA A 86 9.43 -23.87 0.43
N ALA A 87 8.86 -22.82 -0.15
CA ALA A 87 9.38 -22.28 -1.41
C ALA A 87 10.60 -21.39 -1.23
N GLY A 88 11.03 -21.17 0.01
CA GLY A 88 12.23 -20.41 0.27
C GLY A 88 12.02 -18.91 0.33
N VAL A 89 10.79 -18.46 0.47
CA VAL A 89 10.51 -17.03 0.54
C VAL A 89 11.09 -16.47 1.83
N ALA A 90 11.87 -15.40 1.71
CA ALA A 90 12.56 -14.80 2.85
C ALA A 90 11.55 -14.11 3.76
N VAL A 91 11.96 -13.94 5.01
N VAL A 91 11.91 -14.00 5.05
CA VAL A 91 11.08 -13.39 6.01
CA VAL A 91 11.03 -13.50 6.09
C VAL A 91 11.69 -12.12 6.57
C VAL A 91 11.72 -12.37 6.85
N TRP A 92 10.91 -11.47 7.42
CA TRP A 92 11.41 -10.24 7.99
C TRP A 92 10.90 -10.04 9.39
N LYS A 93 9.96 -10.84 9.86
CA LYS A 93 9.47 -10.65 11.21
C LYS A 93 8.83 -11.95 11.69
N LEU A 94 9.03 -12.24 12.97
CA LEU A 94 8.52 -13.45 13.57
C LEU A 94 7.51 -13.22 14.68
N ASN A 95 7.65 -12.14 15.44
CA ASN A 95 6.80 -11.86 16.60
C ASN A 95 5.43 -11.36 16.14
N ARG A 96 4.37 -12.03 16.59
CA ARG A 96 3.00 -11.70 16.19
C ARG A 96 2.49 -10.61 17.11
N SER A 97 2.81 -9.37 16.75
CA SER A 97 2.44 -8.23 17.55
C SER A 97 1.10 -7.62 17.15
N GLU A 98 0.49 -8.09 16.07
CA GLU A 98 -0.79 -7.56 15.58
C GLU A 98 -1.70 -8.69 15.13
N GLY A 99 -1.67 -9.81 15.87
CA GLY A 99 -2.54 -10.92 15.61
C GLY A 99 -1.91 -11.99 14.73
N ALA A 100 -2.75 -12.73 14.01
CA ALA A 100 -2.30 -13.86 13.21
C ALA A 100 -1.75 -13.35 11.88
N SER A 101 -0.42 -13.34 11.76
CA SER A 101 0.26 -12.76 10.63
C SER A 101 1.50 -13.58 10.28
N HIS A 102 1.81 -13.62 8.99
CA HIS A 102 3.06 -14.17 8.47
C HIS A 102 3.74 -13.06 7.68
N TYR A 103 4.99 -12.77 8.01
CA TYR A 103 5.74 -11.67 7.44
C TYR A 103 6.77 -12.18 6.45
N PHE A 104 6.69 -11.75 5.19
CA PHE A 104 7.57 -12.25 4.16
C PHE A 104 7.94 -11.15 3.19
N LEU A 105 8.98 -11.39 2.40
CA LEU A 105 9.56 -10.42 1.50
C LEU A 105 9.31 -10.79 0.04
N ASP A 106 9.04 -9.78 -0.79
CA ASP A 106 9.01 -9.99 -2.23
C ASP A 106 10.43 -9.95 -2.79
N PRO A 107 10.60 -10.19 -4.09
CA PRO A 107 11.95 -10.31 -4.63
C PRO A 107 12.80 -9.07 -4.47
N ASP A 108 12.19 -7.90 -4.36
CA ASP A 108 12.92 -6.66 -4.15
C ASP A 108 13.01 -6.26 -2.70
N GLY A 109 12.51 -7.09 -1.80
CA GLY A 109 12.49 -6.74 -0.39
C GLY A 109 11.31 -5.92 0.05
N HIS A 110 10.29 -5.73 -0.78
CA HIS A 110 9.07 -5.13 -0.27
C HIS A 110 8.55 -5.99 0.87
N LYS A 111 8.18 -5.36 1.97
CA LYS A 111 7.72 -6.06 3.16
C LYS A 111 6.25 -6.37 3.03
N LEU A 112 5.93 -7.65 2.98
CA LEU A 112 4.57 -8.14 2.82
C LEU A 112 4.14 -8.92 4.06
N GLU A 113 2.85 -9.20 4.13
CA GLU A 113 2.26 -9.87 5.28
C GLU A 113 1.00 -10.58 4.81
N LEU A 114 0.79 -11.78 5.34
CA LEU A 114 -0.52 -12.43 5.34
C LEU A 114 -1.15 -12.16 6.69
N HIS A 115 -2.40 -11.71 6.72
CA HIS A 115 -3.06 -11.45 7.99
C HIS A 115 -4.49 -11.97 7.97
N VAL A 116 -4.88 -12.59 9.08
CA VAL A 116 -6.25 -13.02 9.31
C VAL A 116 -6.94 -11.99 10.20
N GLY A 117 -7.98 -11.37 9.68
CA GLY A 117 -8.81 -10.52 10.53
C GLY A 117 -8.94 -9.10 10.04
N SER A 118 -10.07 -8.47 10.38
CA SER A 118 -10.37 -7.11 9.99
C SER A 118 -9.88 -6.11 11.03
N LEU A 119 -10.00 -4.83 10.68
CA LEU A 119 -9.71 -3.77 11.65
C LEU A 119 -10.62 -3.86 12.86
N ALA A 120 -11.91 -4.12 12.64
CA ALA A 120 -12.82 -4.26 13.78
C ALA A 120 -12.36 -5.38 14.69
N GLN A 121 -11.93 -6.51 14.13
CA GLN A 121 -11.46 -7.62 14.96
C GLN A 121 -10.18 -7.26 15.69
N ARG A 122 -9.30 -6.50 15.05
N ARG A 122 -9.28 -6.55 15.02
CA ARG A 122 -8.06 -6.10 15.73
CA ARG A 122 -8.06 -6.05 15.65
C ARG A 122 -8.34 -5.12 16.85
C ARG A 122 -8.41 -5.18 16.85
N LEU A 123 -9.30 -4.22 16.67
CA LEU A 123 -9.64 -3.29 17.74
C LEU A 123 -10.23 -4.06 18.92
N ALA A 124 -11.10 -5.03 18.65
CA ALA A 124 -11.65 -5.83 19.74
C ALA A 124 -10.55 -6.59 20.47
N ALA A 125 -9.62 -7.20 19.73
CA ALA A 125 -8.54 -7.90 20.40
C ALA A 125 -7.70 -6.94 21.23
N CYS A 126 -7.47 -5.73 20.71
CA CYS A 126 -6.63 -4.76 21.40
C CYS A 126 -7.29 -4.24 22.67
N ARG A 127 -8.62 -4.23 22.72
CA ARG A 127 -9.28 -3.85 23.97
C ARG A 127 -8.85 -4.77 25.10
N GLU A 128 -8.65 -6.06 24.83
CA GLU A 128 -8.23 -7.01 25.85
C GLU A 128 -6.72 -7.00 26.06
N GLN A 129 -5.97 -6.80 24.98
CA GLN A 129 -4.50 -6.83 24.99
C GLN A 129 -4.04 -5.57 24.25
N PRO A 130 -4.18 -4.42 24.88
CA PRO A 130 -3.90 -3.16 24.19
C PRO A 130 -2.41 -2.91 24.05
N TYR A 131 -2.06 -2.18 23.00
N TYR A 131 -2.08 -2.15 23.02
CA TYR A 131 -0.71 -1.64 22.90
CA TYR A 131 -0.75 -1.58 22.95
C TYR A 131 -0.54 -0.53 23.95
C TYR A 131 -0.56 -0.65 24.13
N LYS A 132 0.69 -0.35 24.43
CA LYS A 132 0.97 0.62 25.48
C LYS A 132 0.40 2.00 25.17
N GLY A 133 -0.38 2.54 26.11
CA GLY A 133 -0.96 3.85 25.95
C GLY A 133 -2.14 3.94 25.00
N MET A 134 -2.73 2.80 24.66
CA MET A 134 -3.76 2.79 23.65
C MET A 134 -5.03 3.49 24.10
N VAL A 135 -5.57 4.31 23.20
N VAL A 135 -5.57 4.32 23.21
CA VAL A 135 -6.85 5.00 23.36
CA VAL A 135 -6.87 4.96 23.40
C VAL A 135 -7.72 4.65 22.15
C VAL A 135 -7.71 4.63 22.18
N PHE A 136 -9.00 4.41 22.40
CA PHE A 136 -9.96 4.07 21.37
C PHE A 136 -10.93 5.23 21.19
N PHE A 137 -11.20 5.60 19.95
CA PHE A 137 -12.06 6.74 19.68
C PHE A 137 -13.42 6.30 19.17
N MET B 1 -6.13 -18.71 -0.34
CA MET B 1 -6.34 -17.71 -1.43
C MET B 1 -6.37 -16.32 -0.83
N LEU B 2 -5.69 -15.34 -1.43
CA LEU B 2 -5.69 -14.00 -0.89
C LEU B 2 -6.91 -13.25 -1.40
N SER B 3 -7.55 -12.48 -0.52
CA SER B 3 -8.83 -11.89 -0.86
C SER B 3 -8.84 -10.37 -0.94
N GLY B 4 -7.71 -9.71 -0.77
CA GLY B 4 -7.63 -8.27 -0.89
C GLY B 4 -6.49 -7.72 -0.06
N LEU B 5 -6.40 -6.40 -0.04
CA LEU B 5 -5.49 -5.74 0.87
C LEU B 5 -6.09 -5.72 2.25
N ASN B 6 -5.38 -6.29 3.21
CA ASN B 6 -5.85 -6.28 4.59
C ASN B 6 -5.55 -4.93 5.25
N HIS B 7 -4.30 -4.46 5.16
CA HIS B 7 -3.96 -3.14 5.69
C HIS B 7 -2.69 -2.63 5.01
N LEU B 8 -2.55 -1.31 5.04
CA LEU B 8 -1.35 -0.61 4.63
C LEU B 8 -0.74 0.00 5.87
N THR B 9 0.53 -0.29 6.12
CA THR B 9 1.24 0.29 7.25
C THR B 9 2.33 1.19 6.74
N LEU B 10 2.31 2.44 7.20
CA LEU B 10 3.34 3.41 6.87
C LEU B 10 4.18 3.67 8.11
N ALA B 11 5.49 3.52 8.00
CA ALA B 11 6.40 3.94 9.05
C ALA B 11 6.49 5.46 9.05
N VAL B 12 6.41 6.06 10.24
CA VAL B 12 6.44 7.50 10.38
C VAL B 12 7.49 7.90 11.40
N SER B 13 8.10 9.05 11.19
CA SER B 13 9.15 9.51 12.10
C SER B 13 8.59 10.26 13.30
N GLN B 14 7.44 10.92 13.15
CA GLN B 14 6.81 11.69 14.22
C GLN B 14 5.32 11.42 14.15
N LEU B 15 4.78 10.84 15.21
CA LEU B 15 3.40 10.38 15.13
C LEU B 15 2.40 11.53 15.05
N ALA B 16 2.60 12.58 15.82
CA ALA B 16 1.61 13.64 15.86
C ALA B 16 1.39 14.31 14.50
N PRO B 17 2.44 14.76 13.78
CA PRO B 17 2.17 15.36 12.46
C PRO B 17 1.59 14.39 11.47
N SER B 18 1.93 13.11 11.58
CA SER B 18 1.36 12.13 10.67
C SER B 18 -0.12 11.90 10.94
N VAL B 19 -0.51 11.81 12.22
CA VAL B 19 -1.93 11.72 12.53
C VAL B 19 -2.67 12.96 12.05
N ALA B 20 -2.09 14.15 12.25
CA ALA B 20 -2.73 15.37 11.77
C ALA B 20 -2.94 15.33 10.28
N PHE B 21 -1.95 14.83 9.53
CA PHE B 21 -2.02 14.78 8.08
C PHE B 21 -3.12 13.83 7.63
N TYR B 22 -3.12 12.59 8.13
CA TYR B 22 -4.06 11.61 7.63
C TYR B 22 -5.48 11.86 8.16
N GLN B 23 -5.61 12.23 9.44
CA GLN B 23 -6.92 12.46 10.02
C GLN B 23 -7.48 13.83 9.62
N GLN B 24 -6.78 14.91 9.99
CA GLN B 24 -7.35 16.24 9.80
C GLN B 24 -7.25 16.72 8.37
N LEU B 25 -6.09 16.63 7.74
CA LEU B 25 -5.96 17.14 6.38
C LEU B 25 -6.66 16.23 5.39
N LEU B 26 -6.38 14.93 5.44
N LEU B 26 -6.39 14.92 5.44
CA LEU B 26 -6.95 14.02 4.45
CA LEU B 26 -6.94 14.02 4.45
C LEU B 26 -8.36 13.56 4.80
C LEU B 26 -8.31 13.46 4.83
N GLY B 27 -8.79 13.72 6.04
CA GLY B 27 -10.14 13.35 6.43
C GLY B 27 -10.36 11.90 6.80
N MET B 28 -9.31 11.12 7.04
CA MET B 28 -9.51 9.73 7.43
C MET B 28 -9.99 9.65 8.87
N THR B 29 -10.64 8.54 9.19
CA THR B 29 -11.21 8.33 10.51
C THR B 29 -10.18 7.69 11.42
N LEU B 30 -9.92 8.34 12.56
CA LEU B 30 -8.98 7.82 13.56
C LEU B 30 -9.74 6.90 14.51
N HIS B 31 -9.35 5.64 14.55
CA HIS B 31 -10.01 4.67 15.41
C HIS B 31 -9.27 4.43 16.72
N ALA B 32 -7.95 4.49 16.71
CA ALA B 32 -7.20 4.24 17.93
C ALA B 32 -5.82 4.82 17.75
N ARG B 33 -5.19 5.17 18.87
CA ARG B 33 -3.83 5.66 18.88
C ARG B 33 -3.17 5.13 20.15
N TRP B 34 -1.90 4.77 20.05
CA TRP B 34 -1.12 4.32 21.18
C TRP B 34 0.23 5.02 21.11
N ASP B 35 1.11 4.71 22.08
CA ASP B 35 2.35 5.46 22.18
C ASP B 35 3.18 5.37 20.92
N SER B 36 3.05 4.29 20.14
CA SER B 36 3.89 4.12 18.97
C SER B 36 3.10 3.89 17.69
N GLY B 37 1.84 4.28 17.62
CA GLY B 37 1.16 4.15 16.34
C GLY B 37 -0.28 4.58 16.40
N ALA B 38 -0.96 4.39 15.27
CA ALA B 38 -2.37 4.71 15.16
C ALA B 38 -3.02 3.85 14.10
N TYR B 39 -4.32 3.63 14.24
CA TYR B 39 -5.14 2.97 13.24
C TYR B 39 -6.17 3.96 12.73
N LEU B 40 -6.26 4.07 11.40
CA LEU B 40 -7.23 4.90 10.74
C LEU B 40 -7.93 4.07 9.67
N SER B 41 -9.08 4.54 9.23
CA SER B 41 -9.72 3.95 8.07
C SER B 41 -10.05 5.03 7.06
N CYS B 42 -10.07 4.62 5.80
CA CYS B 42 -10.43 5.46 4.67
C CYS B 42 -11.25 4.57 3.75
N GLY B 43 -12.56 4.72 3.79
CA GLY B 43 -13.39 3.70 3.14
C GLY B 43 -13.04 2.33 3.70
N ASP B 44 -12.82 1.36 2.82
N ASP B 44 -12.83 1.35 2.81
CA ASP B 44 -12.45 0.02 3.22
CA ASP B 44 -12.45 0.00 3.20
C ASP B 44 -10.95 -0.17 3.40
C ASP B 44 -10.99 -0.10 3.65
N LEU B 45 -10.17 0.91 3.36
CA LEU B 45 -8.76 0.85 3.71
C LEU B 45 -8.52 0.95 5.22
N TRP B 46 -7.81 -0.03 5.75
CA TRP B 46 -7.25 0.00 7.10
C TRP B 46 -5.82 0.50 6.97
N LEU B 47 -5.57 1.70 7.53
CA LEU B 47 -4.25 2.31 7.52
C LEU B 47 -3.67 2.24 8.92
N CYS B 48 -2.43 1.80 9.03
N CYS B 48 -2.43 1.80 9.01
CA CYS B 48 -1.71 1.85 10.29
CA CYS B 48 -1.67 1.83 10.26
C CYS B 48 -0.53 2.79 10.12
C CYS B 48 -0.53 2.82 10.09
N LEU B 49 -0.40 3.75 11.05
CA LEU B 49 0.79 4.57 11.15
C LEU B 49 1.62 3.98 12.27
N SER B 50 2.88 3.65 11.98
CA SER B 50 3.74 3.00 12.96
C SER B 50 4.96 3.88 13.20
N LEU B 51 5.10 4.37 14.43
CA LEU B 51 6.23 5.20 14.78
C LEU B 51 7.51 4.38 14.71
N ASP B 52 8.45 4.83 13.89
CA ASP B 52 9.64 4.04 13.60
C ASP B 52 10.85 4.94 13.53
N PRO B 53 11.79 4.85 14.48
N PRO B 53 11.77 4.82 14.50
CA PRO B 53 12.98 5.72 14.40
CA PRO B 53 13.00 5.63 14.45
C PRO B 53 13.83 5.43 13.17
C PRO B 53 13.85 5.39 13.22
N GLN B 54 13.62 4.30 12.51
CA GLN B 54 14.31 4.05 11.25
C GLN B 54 13.74 4.87 10.09
N ARG B 55 12.56 5.46 10.23
CA ARG B 55 11.98 6.20 9.09
C ARG B 55 12.75 7.50 8.88
N ARG B 56 13.24 7.69 7.67
N ARG B 56 13.27 7.69 7.67
CA ARG B 56 13.90 8.93 7.28
CA ARG B 56 13.90 8.93 7.25
C ARG B 56 12.92 9.78 6.49
C ARG B 56 12.90 9.79 6.50
N VAL B 57 12.95 11.09 6.74
CA VAL B 57 12.17 12.03 5.93
C VAL B 57 12.87 12.07 4.57
N THR B 58 12.22 11.50 3.55
CA THR B 58 12.95 11.11 2.35
C THR B 58 12.54 11.98 1.17
N PRO B 59 13.46 12.76 0.60
CA PRO B 59 13.11 13.52 -0.59
C PRO B 59 12.63 12.60 -1.70
N PRO B 60 11.74 13.09 -2.57
CA PRO B 60 11.18 12.20 -3.61
C PRO B 60 12.20 11.76 -4.64
N GLU B 61 13.25 12.55 -4.86
CA GLU B 61 14.30 12.12 -5.76
C GLU B 61 15.07 10.93 -5.22
N GLU B 62 14.98 10.66 -3.92
CA GLU B 62 15.74 9.61 -3.26
C GLU B 62 14.95 8.34 -2.99
N SER B 63 13.68 8.31 -3.35
CA SER B 63 12.89 7.11 -3.22
C SER B 63 12.45 6.66 -4.61
N ASP B 64 12.14 5.36 -4.71
CA ASP B 64 11.65 4.79 -5.94
C ASP B 64 10.17 5.13 -6.12
N TYR B 65 9.58 4.58 -7.19
CA TYR B 65 8.23 4.95 -7.62
C TYR B 65 7.12 4.27 -6.82
N THR B 66 7.45 3.45 -5.83
CA THR B 66 6.41 2.84 -5.02
C THR B 66 5.52 3.93 -4.45
N HIS B 67 4.19 3.76 -4.58
CA HIS B 67 3.28 4.81 -4.14
C HIS B 67 1.90 4.24 -3.85
N TYR B 68 1.10 5.05 -3.15
CA TYR B 68 -0.19 4.65 -2.61
C TYR B 68 -1.23 5.65 -3.09
N ALA B 69 -2.21 5.19 -3.87
CA ALA B 69 -3.23 6.05 -4.46
C ALA B 69 -4.55 5.84 -3.74
N PHE B 70 -5.20 6.96 -3.38
CA PHE B 70 -6.52 6.96 -2.76
C PHE B 70 -7.58 7.36 -3.77
N SER B 71 -8.76 6.75 -3.65
CA SER B 71 -9.86 7.06 -4.55
C SER B 71 -10.58 8.32 -4.11
N ILE B 72 -10.97 9.13 -5.10
CA ILE B 72 -11.79 10.31 -4.92
C ILE B 72 -12.63 10.45 -6.17
N SER B 73 -13.82 11.02 -6.02
CA SER B 73 -14.65 11.23 -7.19
C SER B 73 -14.09 12.36 -8.05
N GLU B 74 -14.42 12.32 -9.34
CA GLU B 74 -14.04 13.41 -10.23
C GLU B 74 -14.58 14.74 -9.71
N ALA B 75 -15.81 14.74 -9.20
CA ALA B 75 -16.42 15.98 -8.76
C ALA B 75 -15.68 16.59 -7.57
N ASP B 76 -15.07 15.76 -6.71
CA ASP B 76 -14.40 16.24 -5.52
C ASP B 76 -12.91 16.50 -5.72
N PHE B 77 -12.36 16.05 -6.85
CA PHE B 77 -10.90 16.03 -7.06
C PHE B 77 -10.28 17.42 -6.94
N ALA B 78 -10.81 18.41 -7.68
CA ALA B 78 -10.11 19.69 -7.77
C ALA B 78 -10.09 20.42 -6.43
N SER B 79 -11.19 20.35 -5.67
N SER B 79 -11.21 20.37 -5.70
CA SER B 79 -11.20 21.04 -4.39
CA SER B 79 -11.25 20.98 -4.38
C SER B 79 -10.30 20.35 -3.37
C SER B 79 -10.22 20.35 -3.46
N PHE B 80 -10.13 19.03 -3.48
CA PHE B 80 -9.22 18.34 -2.56
C PHE B 80 -7.78 18.66 -2.91
N ALA B 81 -7.45 18.68 -4.20
CA ALA B 81 -6.12 19.10 -4.61
C ALA B 81 -5.84 20.51 -4.13
N ALA B 82 -6.82 21.40 -4.23
CA ALA B 82 -6.62 22.77 -3.78
C ALA B 82 -6.41 22.84 -2.27
N ARG B 83 -7.09 21.96 -1.51
CA ARG B 83 -6.89 21.88 -0.07
C ARG B 83 -5.45 21.49 0.25
N LEU B 84 -4.93 20.47 -0.45
CA LEU B 84 -3.54 20.08 -0.24
C LEU B 84 -2.59 21.22 -0.59
N GLU B 85 -2.87 21.92 -1.70
N GLU B 85 -2.88 21.93 -1.68
CA GLU B 85 -2.01 23.04 -2.08
CA GLU B 85 -2.01 23.03 -2.08
C GLU B 85 -2.04 24.13 -1.03
C GLU B 85 -2.05 24.16 -1.07
N ALA B 86 -3.22 24.45 -0.50
CA ALA B 86 -3.31 25.51 0.50
C ALA B 86 -2.49 25.13 1.73
N ALA B 87 -2.52 23.85 2.09
CA ALA B 87 -1.76 23.35 3.22
C ALA B 87 -0.25 23.33 2.96
N GLY B 88 0.17 23.53 1.71
CA GLY B 88 1.58 23.52 1.39
C GLY B 88 2.16 22.15 1.10
N VAL B 89 1.32 21.18 0.76
CA VAL B 89 1.78 19.82 0.53
C VAL B 89 2.47 19.75 -0.82
N ALA B 90 3.67 19.18 -0.85
CA ALA B 90 4.45 19.15 -2.07
C ALA B 90 3.95 18.09 -3.05
N VAL B 91 4.10 18.41 -4.34
CA VAL B 91 3.78 17.50 -5.44
C VAL B 91 5.08 16.89 -5.93
N TRP B 92 5.03 15.60 -6.25
CA TRP B 92 6.21 14.89 -6.71
C TRP B 92 6.17 14.49 -8.18
N LYS B 93 5.08 14.73 -8.89
CA LYS B 93 4.92 14.32 -10.27
C LYS B 93 3.70 15.01 -10.84
N LEU B 94 3.73 15.29 -12.16
CA LEU B 94 2.55 15.76 -12.87
C LEU B 94 1.82 14.59 -13.51
N ASN B 95 0.50 14.72 -13.65
CA ASN B 95 -0.29 13.68 -14.29
C ASN B 95 -0.10 13.69 -15.81
N ARG B 96 0.23 12.53 -16.37
CA ARG B 96 0.32 12.34 -17.80
C ARG B 96 -0.41 11.08 -18.28
N SER B 97 -1.26 10.49 -17.44
N SER B 97 -1.33 10.55 -17.50
CA SER B 97 -1.98 9.25 -17.75
CA SER B 97 -2.01 9.30 -17.86
C SER B 97 -3.49 9.49 -17.72
C SER B 97 -3.49 9.41 -17.53
N GLU B 98 -4.26 8.43 -17.98
CA GLU B 98 -5.71 8.62 -18.04
C GLU B 98 -6.28 8.65 -16.63
N GLY B 99 -7.31 9.46 -16.45
CA GLY B 99 -7.92 9.63 -15.16
C GLY B 99 -7.17 10.69 -14.37
N ALA B 100 -7.91 11.57 -13.72
CA ALA B 100 -7.29 12.61 -12.91
C ALA B 100 -6.40 11.98 -11.84
N SER B 101 -5.22 12.57 -11.65
CA SER B 101 -4.30 12.15 -10.61
C SER B 101 -3.58 13.36 -10.06
N HIS B 102 -3.44 13.41 -8.74
CA HIS B 102 -2.67 14.42 -8.03
C HIS B 102 -1.64 13.67 -7.19
N TYR B 103 -0.36 13.95 -7.41
CA TYR B 103 0.74 13.21 -6.79
C TYR B 103 1.38 14.05 -5.70
N PHE B 104 1.22 13.64 -4.44
CA PHE B 104 1.64 14.45 -3.33
C PHE B 104 2.39 13.63 -2.29
N LEU B 105 3.11 14.33 -1.41
CA LEU B 105 3.99 13.67 -0.44
C LEU B 105 3.43 13.82 0.96
N ASP B 106 3.57 12.77 1.77
CA ASP B 106 3.24 12.85 3.20
C ASP B 106 4.41 13.46 3.95
N PRO B 107 4.26 13.70 5.26
CA PRO B 107 5.30 14.41 6.01
C PRO B 107 6.66 13.71 6.01
N ASP B 108 6.70 12.41 5.79
CA ASP B 108 7.93 11.65 5.74
C ASP B 108 8.41 11.36 4.33
N GLY B 109 7.70 11.88 3.33
CA GLY B 109 8.04 11.62 1.95
C GLY B 109 7.40 10.40 1.36
N HIS B 110 6.46 9.75 2.05
CA HIS B 110 5.74 8.67 1.39
C HIS B 110 5.03 9.26 0.18
N LYS B 111 5.11 8.55 -0.94
CA LYS B 111 4.54 9.01 -2.19
C LYS B 111 3.08 8.60 -2.27
N LEU B 112 2.20 9.59 -2.31
CA LEU B 112 0.76 9.41 -2.33
C LEU B 112 0.20 9.95 -3.65
N GLU B 113 -1.04 9.58 -3.92
CA GLU B 113 -1.73 9.99 -5.13
C GLU B 113 -3.22 10.04 -4.82
N LEU B 114 -3.92 11.04 -5.38
CA LEU B 114 -5.35 10.99 -5.53
C LEU B 114 -5.63 10.55 -6.95
N HIS B 115 -6.48 9.54 -7.15
CA HIS B 115 -6.79 9.10 -8.50
C HIS B 115 -8.29 8.88 -8.65
N VAL B 116 -8.78 9.27 -9.84
CA VAL B 116 -10.15 9.04 -10.27
C VAL B 116 -10.09 7.96 -11.34
N GLY B 117 -10.70 6.83 -11.06
CA GLY B 117 -10.80 5.78 -12.06
C GLY B 117 -10.36 4.43 -11.54
N SER B 118 -11.01 3.40 -12.04
CA SER B 118 -10.80 2.02 -11.62
C SER B 118 -9.80 1.30 -12.52
N LEU B 119 -9.44 0.08 -12.12
CA LEU B 119 -8.69 -0.80 -12.99
C LEU B 119 -9.43 -1.05 -14.29
N ALA B 120 -10.74 -1.28 -14.23
CA ALA B 120 -11.50 -1.52 -15.46
C ALA B 120 -11.38 -0.34 -16.42
N GLN B 121 -11.42 0.88 -15.88
CA GLN B 121 -11.30 2.05 -16.74
C GLN B 121 -9.92 2.11 -17.38
N ARG B 122 -8.88 1.82 -16.59
CA ARG B 122 -7.53 1.83 -17.12
C ARG B 122 -7.36 0.75 -18.19
N LEU B 123 -7.86 -0.45 -17.93
CA LEU B 123 -7.74 -1.52 -18.90
C LEU B 123 -8.47 -1.17 -20.20
N ALA B 124 -9.65 -0.55 -20.10
CA ALA B 124 -10.38 -0.18 -21.31
C ALA B 124 -9.57 0.83 -22.13
N ALA B 125 -8.97 1.81 -21.47
CA ALA B 125 -8.15 2.79 -22.18
C ALA B 125 -6.94 2.12 -22.81
N CYS B 126 -6.34 1.17 -22.09
CA CYS B 126 -5.16 0.48 -22.61
C CYS B 126 -5.50 -0.43 -23.79
N ARG B 127 -6.69 -1.04 -23.78
N ARG B 127 -6.67 -1.05 -23.78
CA ARG B 127 -7.06 -1.86 -24.93
CA ARG B 127 -7.06 -1.86 -24.93
C ARG B 127 -7.18 -1.02 -26.19
C ARG B 127 -7.12 -1.00 -26.18
N GLU B 128 -7.66 0.21 -26.06
CA GLU B 128 -7.73 1.12 -27.20
C GLU B 128 -6.37 1.64 -27.62
N GLN B 129 -5.44 1.81 -26.69
CA GLN B 129 -4.14 2.42 -26.94
C GLN B 129 -3.11 1.71 -26.11
N PRO B 130 -2.71 0.50 -26.51
CA PRO B 130 -1.85 -0.30 -25.65
C PRO B 130 -0.46 0.27 -25.48
N TYR B 131 0.06 0.14 -24.27
CA TYR B 131 1.43 0.52 -24.01
C TYR B 131 2.38 -0.39 -24.80
N LYS B 132 3.64 0.03 -24.88
CA LYS B 132 4.63 -0.72 -25.64
C LYS B 132 4.82 -2.11 -25.03
N GLY B 133 4.64 -3.12 -25.88
CA GLY B 133 4.76 -4.50 -25.48
C GLY B 133 3.59 -5.05 -24.71
N MET B 134 2.43 -4.39 -24.76
CA MET B 134 1.34 -4.76 -23.88
C MET B 134 0.58 -5.99 -24.37
N VAL B 135 0.34 -6.91 -23.44
N VAL B 135 0.33 -6.92 -23.46
CA VAL B 135 -0.42 -8.15 -23.63
CA VAL B 135 -0.51 -8.08 -23.75
C VAL B 135 -1.51 -8.18 -22.55
C VAL B 135 -1.48 -8.25 -22.59
N PHE B 136 -2.70 -8.66 -22.93
CA PHE B 136 -3.82 -8.80 -22.01
C PHE B 136 -4.08 -10.26 -21.73
N PHE B 137 -4.59 -10.54 -20.54
CA PHE B 137 -4.84 -11.91 -20.10
C PHE B 137 -6.29 -12.04 -19.69
#